data_4IO2
#
_entry.id   4IO2
#
_cell.length_a   55.370
_cell.length_b   101.052
_cell.length_c   56.744
_cell.angle_alpha   90.00
_cell.angle_beta   116.46
_cell.angle_gamma   90.00
#
_symmetry.space_group_name_H-M   'P 1 21 1'
#
loop_
_entity.id
_entity.type
_entity.pdbx_description
1 polymer 'Glutamate receptor 1'
2 non-polymer 'CHLORIDE ION'
3 non-polymer 'GLUTAMIC ACID'
4 water water
#
_entity_poly.entity_id   1
_entity_poly.type   'polypeptide(L)'
_entity_poly.pdbx_seq_one_letter_code
;GSARLKGITLRIGVIESVPFTIVANVIDTSGRNTTKLTGYVLDLIEYLRDKMGFVADVQLAPPNTSYTGLVLALANGDYD
IAIGDITVTSARREIVAFSNSISDNSMRILMRKGTLIDGMDDLKNGKIPYNRIGIRIGTAGEDYYLREISGGSRNFYPLK
SRQEMYDSLLAGIIDVSFMDIGTAEYVTNNIYCNLTLVGEDFDKSTFGIVTPKEWLYAKDLDVNILSLRETGILDNLKKK
WFQTKACP
;
_entity_poly.pdbx_strand_id   A,B
#
loop_
_chem_comp.id
_chem_comp.type
_chem_comp.name
_chem_comp.formula
CL non-polymer 'CHLORIDE ION' 'Cl -1'
#
# COMPACT_ATOMS: atom_id res chain seq x y z
N GLY A 1 22.44 -12.27 -5.12
CA GLY A 1 23.26 -11.62 -4.05
C GLY A 1 22.68 -10.28 -3.59
N SER A 2 23.27 -9.74 -2.54
CA SER A 2 22.79 -8.51 -1.90
C SER A 2 23.96 -7.69 -1.35
N ALA A 3 23.77 -6.38 -1.24
CA ALA A 3 24.80 -5.48 -0.74
C ALA A 3 24.13 -4.27 -0.11
N ARG A 4 24.88 -3.60 0.74
CA ARG A 4 24.46 -2.32 1.32
C ARG A 4 24.85 -1.13 0.46
N LEU A 5 24.07 -0.05 0.55
CA LEU A 5 24.28 1.15 -0.25
C LEU A 5 25.33 2.11 0.35
N LYS A 6 25.86 1.84 1.55
CA LYS A 6 26.83 2.74 2.17
C LYS A 6 28.05 3.00 1.27
N GLY A 7 28.32 4.28 1.03
CA GLY A 7 29.42 4.73 0.20
C GLY A 7 29.17 4.66 -1.32
N ILE A 8 28.04 4.12 -1.73
CA ILE A 8 27.75 3.94 -3.15
C ILE A 8 27.06 5.19 -3.67
N THR A 9 27.41 5.62 -4.88
CA THR A 9 26.71 6.73 -5.50
C THR A 9 25.49 6.23 -6.26
N LEU A 10 24.34 6.84 -5.98
CA LEU A 10 23.11 6.58 -6.71
C LEU A 10 22.71 7.77 -7.53
N ARG A 11 22.53 7.55 -8.82
CA ARG A 11 21.87 8.52 -9.70
C ARG A 11 20.37 8.38 -9.50
N ILE A 12 19.75 9.42 -8.92
CA ILE A 12 18.35 9.38 -8.48
C ILE A 12 17.52 10.29 -9.38
N GLY A 13 16.70 9.69 -10.23
CA GLY A 13 15.81 10.45 -11.09
C GLY A 13 14.60 10.96 -10.29
N VAL A 14 14.29 12.24 -10.49
CA VAL A 14 13.12 12.87 -9.91
C VAL A 14 12.37 13.57 -11.01
N ILE A 15 11.09 13.85 -10.76
CA ILE A 15 10.20 14.42 -11.78
C ILE A 15 9.33 15.51 -11.15
N GLU A 16 9.24 16.64 -11.84
CA GLU A 16 8.52 17.78 -11.29
C GLU A 16 7.05 17.43 -11.00
N SER A 17 6.62 17.77 -9.79
CA SER A 17 5.24 17.56 -9.35
C SER A 17 5.09 18.20 -7.98
N VAL A 18 4.47 19.37 -7.89
CA VAL A 18 4.32 20.02 -6.62
CA VAL A 18 4.34 20.04 -6.62
C VAL A 18 3.34 19.28 -5.75
N PRO A 19 3.64 19.14 -4.44
CA PRO A 19 4.80 19.53 -3.62
C PRO A 19 5.76 18.36 -3.36
N PHE A 20 5.73 17.33 -4.20
CA PHE A 20 6.72 16.25 -4.14
C PHE A 20 8.09 16.74 -4.57
N THR A 21 8.17 17.32 -5.78
CA THR A 21 9.39 17.82 -6.33
C THR A 21 9.06 19.16 -6.95
N ILE A 22 9.55 20.21 -6.29
CA ILE A 22 9.26 21.58 -6.63
C ILE A 22 10.49 22.20 -7.25
N VAL A 23 10.36 22.72 -8.46
CA VAL A 23 11.49 23.22 -9.25
C VAL A 23 11.42 24.75 -9.26
N ALA A 24 12.50 25.40 -8.82
CA ALA A 24 12.63 26.85 -8.89
C ALA A 24 13.85 27.26 -9.69
N ASN A 25 13.72 28.33 -10.49
CA ASN A 25 14.86 28.95 -11.15
C ASN A 25 15.40 30.11 -10.32
N VAL A 26 16.71 30.14 -10.18
CA VAL A 26 17.47 31.15 -9.43
C VAL A 26 17.13 31.16 -7.95
N ASN A 33 22.25 31.70 -13.59
CA ASN A 33 21.03 30.84 -13.54
C ASN A 33 21.22 29.40 -13.04
N THR A 34 20.46 29.04 -12.02
CA THR A 34 20.54 27.71 -11.46
C THR A 34 19.18 27.20 -11.01
N THR A 35 19.06 25.90 -10.87
CA THR A 35 17.81 25.27 -10.53
C THR A 35 17.89 24.80 -9.10
N LYS A 36 16.84 25.07 -8.34
CA LYS A 36 16.77 24.57 -6.97
CA LYS A 36 16.75 24.62 -6.95
C LYS A 36 15.58 23.66 -6.83
N LEU A 37 15.80 22.54 -6.15
CA LEU A 37 14.76 21.55 -5.89
C LEU A 37 14.46 21.44 -4.41
N THR A 38 13.17 21.42 -4.09
CA THR A 38 12.68 21.23 -2.73
C THR A 38 11.45 20.30 -2.80
N GLY A 39 11.00 19.82 -1.66
CA GLY A 39 9.76 19.11 -1.56
C GLY A 39 9.88 17.80 -0.79
N TYR A 40 8.75 17.11 -0.67
CA TYR A 40 8.70 15.82 0.00
C TYR A 40 9.80 14.88 -0.50
N VAL A 41 9.98 14.78 -1.81
CA VAL A 41 10.95 13.84 -2.37
C VAL A 41 12.36 14.18 -1.93
N LEU A 42 12.71 15.45 -1.98
CA LEU A 42 14.07 15.88 -1.63
C LEU A 42 14.32 15.61 -0.14
N ASP A 43 13.30 15.85 0.70
CA ASP A 43 13.47 15.56 2.11
C ASP A 43 13.58 14.04 2.35
N LEU A 44 12.80 13.25 1.63
CA LEU A 44 12.87 11.80 1.74
C LEU A 44 14.28 11.30 1.36
N ILE A 45 14.86 11.81 0.26
CA ILE A 45 16.20 11.42 -0.13
C ILE A 45 17.19 11.70 1.01
N GLU A 46 17.08 12.86 1.64
CA GLU A 46 17.95 13.16 2.76
CA GLU A 46 17.95 13.17 2.78
C GLU A 46 17.78 12.20 3.95
N TYR A 47 16.55 11.84 4.29
CA TYR A 47 16.34 10.90 5.40
C TYR A 47 16.95 9.55 5.03
N LEU A 48 16.77 9.11 3.80
CA LEU A 48 17.34 7.82 3.38
C LEU A 48 18.88 7.88 3.32
N ARG A 49 19.44 8.99 2.83
CA ARG A 49 20.87 9.15 2.69
C ARG A 49 21.51 9.11 4.08
N ASP A 50 20.90 9.79 5.05
CA ASP A 50 21.45 9.82 6.41
C ASP A 50 21.46 8.45 7.04
N LYS A 51 20.44 7.64 6.79
CA LYS A 51 20.37 6.31 7.38
CA LYS A 51 20.37 6.30 7.39
C LYS A 51 21.22 5.27 6.64
N MET A 52 21.35 5.43 5.33
CA MET A 52 21.96 4.39 4.49
C MET A 52 23.37 4.72 4.04
N GLY A 53 23.72 6.00 4.02
CA GLY A 53 25.08 6.42 3.72
C GLY A 53 25.49 6.37 2.26
N PHE A 54 24.55 6.32 1.34
CA PHE A 54 24.86 6.45 -0.09
C PHE A 54 25.21 7.91 -0.41
N VAL A 55 25.76 8.12 -1.58
CA VAL A 55 25.98 9.46 -2.10
C VAL A 55 24.88 9.73 -3.13
N ALA A 56 24.14 10.82 -2.92
CA ALA A 56 23.01 11.17 -3.77
C ALA A 56 23.41 12.05 -4.93
N ASP A 57 23.17 11.56 -6.13
CA ASP A 57 23.30 12.35 -7.35
C ASP A 57 21.91 12.55 -7.95
N VAL A 58 21.26 13.63 -7.54
CA VAL A 58 19.84 13.86 -7.84
C VAL A 58 19.74 14.52 -9.21
N GLN A 59 18.98 13.90 -10.11
CA GLN A 59 18.85 14.36 -11.49
CA GLN A 59 18.85 14.36 -11.49
C GLN A 59 17.38 14.57 -11.84
N LEU A 60 17.02 15.81 -12.12
CA LEU A 60 15.67 16.14 -12.56
C LEU A 60 15.44 15.68 -14.00
N ALA A 61 14.36 14.94 -14.20
CA ALA A 61 14.01 14.51 -15.55
C ALA A 61 13.73 15.75 -16.39
N PRO A 62 14.06 15.68 -17.67
CA PRO A 62 13.75 16.78 -18.60
C PRO A 62 12.27 17.15 -18.57
N PRO A 63 11.95 18.42 -18.84
CA PRO A 63 10.61 18.98 -18.64
C PRO A 63 9.46 18.13 -19.21
N ASN A 64 9.66 17.60 -20.41
CA ASN A 64 8.53 16.93 -21.04
C ASN A 64 8.35 15.45 -20.70
N THR A 65 9.19 14.95 -19.81
CA THR A 65 9.19 13.53 -19.45
C THR A 65 7.87 13.10 -18.84
N SER A 66 7.31 12.00 -19.36
CA SER A 66 6.09 11.43 -18.80
C SER A 66 6.47 10.48 -17.68
N TYR A 67 5.50 10.03 -16.91
CA TYR A 67 5.77 9.08 -15.83
C TYR A 67 6.23 7.75 -16.43
N THR A 68 5.53 7.23 -17.43
N THR A 68 5.55 7.19 -17.44
CA THR A 68 6.01 6.01 -18.02
CA THR A 68 6.09 5.96 -18.03
C THR A 68 7.36 6.21 -18.72
C THR A 68 7.43 6.23 -18.69
N GLY A 69 7.59 7.42 -19.25
CA GLY A 69 8.91 7.76 -19.82
C GLY A 69 10.06 7.71 -18.80
N LEU A 70 9.80 8.17 -17.59
CA LEU A 70 10.78 8.11 -16.51
C LEU A 70 11.11 6.64 -16.19
N VAL A 71 10.08 5.79 -16.09
CA VAL A 71 10.29 4.38 -15.81
C VAL A 71 11.14 3.75 -16.92
N LEU A 72 10.80 4.02 -18.17
CA LEU A 72 11.57 3.50 -19.29
C LEU A 72 13.01 3.98 -19.29
N ALA A 73 13.22 5.22 -18.94
CA ALA A 73 14.58 5.79 -18.85
C ALA A 73 15.39 5.04 -17.78
N LEU A 74 14.78 4.75 -16.63
CA LEU A 74 15.49 4.00 -15.63
C LEU A 74 15.83 2.60 -16.18
N ALA A 75 14.86 1.93 -16.80
CA ALA A 75 15.09 0.59 -17.32
C ALA A 75 16.21 0.58 -18.34
N ASN A 76 16.39 1.68 -19.06
CA ASN A 76 17.46 1.81 -20.05
C ASN A 76 18.83 2.09 -19.43
N GLY A 77 18.85 2.40 -18.13
CA GLY A 77 20.11 2.63 -17.41
C GLY A 77 20.43 4.09 -17.16
N ASP A 78 19.46 5.00 -17.37
CA ASP A 78 19.71 6.44 -17.25
C ASP A 78 19.81 6.91 -15.80
N TYR A 79 19.23 6.11 -14.91
CA TYR A 79 19.22 6.37 -13.48
C TYR A 79 19.43 5.03 -12.77
N ASP A 80 19.82 5.09 -11.50
CA ASP A 80 19.85 3.91 -10.64
C ASP A 80 18.54 3.64 -9.94
N ILE A 81 17.95 4.70 -9.39
CA ILE A 81 16.59 4.61 -8.85
C ILE A 81 15.83 5.86 -9.31
N ALA A 82 14.52 5.82 -9.18
CA ALA A 82 13.69 7.02 -9.40
C ALA A 82 12.68 7.14 -8.27
N ILE A 83 12.59 8.34 -7.72
CA ILE A 83 11.75 8.64 -6.57
C ILE A 83 10.78 9.73 -6.91
N GLY A 84 9.50 9.46 -6.68
CA GLY A 84 8.47 10.45 -6.91
C GLY A 84 7.10 9.87 -6.66
N ASP A 85 6.10 10.60 -7.15
CA ASP A 85 4.69 10.15 -7.13
C ASP A 85 4.46 9.22 -8.31
N ILE A 86 5.11 8.05 -8.25
CA ILE A 86 5.15 7.11 -9.35
C ILE A 86 4.34 5.88 -8.97
N THR A 87 3.22 5.69 -9.66
CA THR A 87 2.33 4.60 -9.37
C THR A 87 2.90 3.24 -9.75
N VAL A 88 2.76 2.27 -8.86
CA VAL A 88 3.17 0.88 -9.12
C VAL A 88 2.07 0.24 -9.95
N THR A 89 2.39 -0.17 -11.16
CA THR A 89 1.43 -0.81 -12.05
C THR A 89 1.97 -2.13 -12.58
N SER A 90 1.07 -3.00 -12.99
CA SER A 90 1.47 -4.29 -13.53
CA SER A 90 1.43 -4.30 -13.56
C SER A 90 2.31 -4.14 -14.79
N ALA A 91 1.93 -3.23 -15.67
CA ALA A 91 2.71 -3.04 -16.90
C ALA A 91 4.10 -2.54 -16.56
N ARG A 92 4.23 -1.63 -15.61
CA ARG A 92 5.58 -1.14 -15.25
C ARG A 92 6.43 -2.22 -14.58
N ARG A 93 5.79 -3.05 -13.78
CA ARG A 93 6.49 -4.12 -13.06
C ARG A 93 7.09 -5.16 -13.99
N GLU A 94 6.61 -5.24 -15.23
CA GLU A 94 7.24 -6.12 -16.20
C GLU A 94 8.66 -5.67 -16.53
N ILE A 95 8.96 -4.38 -16.41
CA ILE A 95 10.25 -3.86 -16.86
C ILE A 95 11.15 -3.29 -15.77
N VAL A 96 10.59 -2.98 -14.61
CA VAL A 96 11.34 -2.49 -13.47
C VAL A 96 10.81 -3.15 -12.22
N ALA A 97 11.57 -3.05 -11.13
CA ALA A 97 11.03 -3.39 -9.81
C ALA A 97 10.63 -2.13 -9.05
N PHE A 98 9.88 -2.34 -7.96
CA PHE A 98 9.52 -1.23 -7.10
C PHE A 98 9.84 -1.60 -5.68
N SER A 99 10.28 -0.61 -4.92
CA SER A 99 10.44 -0.74 -3.49
C SER A 99 9.09 -0.95 -2.81
N ASN A 100 9.15 -1.30 -1.53
N ASN A 100 9.20 -1.26 -1.52
CA ASN A 100 7.95 -1.26 -0.71
CA ASN A 100 8.10 -1.11 -0.61
C ASN A 100 7.41 0.14 -0.81
C ASN A 100 7.41 0.23 -0.84
N SER A 101 6.10 0.25 -0.68
CA SER A 101 5.43 1.51 -0.95
CA SER A 101 5.40 1.51 -0.92
C SER A 101 5.84 2.62 0.01
N ILE A 102 5.98 3.83 -0.55
CA ILE A 102 6.19 5.05 0.22
C ILE A 102 4.89 5.76 0.58
N SER A 103 3.80 5.44 -0.10
CA SER A 103 2.51 6.09 0.13
C SER A 103 1.41 5.28 -0.52
N ASP A 104 0.24 5.27 0.09
CA ASP A 104 -0.95 4.85 -0.61
C ASP A 104 -1.34 5.94 -1.61
N ASN A 105 -2.21 5.56 -2.52
CA ASN A 105 -2.67 6.47 -3.57
C ASN A 105 -4.01 6.01 -4.06
N SER A 106 -4.68 6.94 -4.71
CA SER A 106 -5.90 6.68 -5.46
C SER A 106 -6.09 7.91 -6.35
N MET A 107 -7.03 7.84 -7.28
CA MET A 107 -7.29 8.95 -8.19
C MET A 107 -8.65 9.56 -7.91
N ARG A 108 -8.77 10.83 -8.27
CA ARG A 108 -10.02 11.56 -8.25
C ARG A 108 -10.30 12.20 -9.57
N ILE A 109 -11.58 12.48 -9.80
CA ILE A 109 -11.99 13.25 -10.93
C ILE A 109 -11.82 14.76 -10.65
N LEU A 110 -11.10 15.44 -11.55
CA LEU A 110 -10.79 16.90 -11.51
C LEU A 110 -11.70 17.59 -12.52
N MET A 111 -12.24 18.75 -12.13
CA MET A 111 -13.18 19.47 -13.00
C MET A 111 -13.26 20.93 -12.56
N ARG A 112 -13.89 21.77 -13.37
CA ARG A 112 -14.22 23.13 -12.96
C ARG A 112 -15.25 23.12 -11.87
N LYS A 113 -15.10 24.04 -10.92
CA LYS A 113 -16.17 24.27 -9.94
C LYS A 113 -17.53 24.45 -10.63
N GLY A 114 -18.54 23.78 -10.09
CA GLY A 114 -19.92 23.93 -10.54
C GLY A 114 -20.34 22.99 -11.67
N THR A 115 -19.41 22.21 -12.23
CA THR A 115 -19.74 21.29 -13.32
C THR A 115 -20.72 20.24 -12.82
N LEU A 116 -21.73 19.95 -13.62
CA LEU A 116 -22.75 18.99 -13.23
C LEU A 116 -22.34 17.55 -13.54
N ILE A 117 -21.32 17.10 -12.80
CA ILE A 117 -20.84 15.73 -12.82
CA ILE A 117 -20.83 15.73 -12.80
C ILE A 117 -20.93 15.22 -11.37
N ASP A 118 -21.46 14.01 -11.18
CA ASP A 118 -21.60 13.45 -9.83
C ASP A 118 -20.46 12.47 -9.47
N GLY A 119 -19.80 11.95 -10.50
CA GLY A 119 -18.78 10.94 -10.29
C GLY A 119 -18.57 10.07 -11.51
N MET A 120 -17.98 8.92 -11.30
CA MET A 120 -17.53 8.08 -12.41
C MET A 120 -18.65 7.55 -13.32
N ASP A 121 -19.85 7.41 -12.79
CA ASP A 121 -20.96 6.92 -13.63
C ASP A 121 -21.23 7.85 -14.81
N ASP A 122 -21.07 9.14 -14.58
CA ASP A 122 -21.34 10.10 -15.65
C ASP A 122 -20.34 9.96 -16.81
N LEU A 123 -19.14 9.45 -16.53
CA LEU A 123 -18.17 9.23 -17.62
C LEU A 123 -18.44 7.90 -18.30
N LYS A 124 -19.00 6.95 -17.55
CA LYS A 124 -19.24 5.60 -18.09
C LYS A 124 -20.63 5.46 -18.69
N ASN A 125 -21.50 6.44 -18.47
CA ASN A 125 -22.84 6.42 -19.06
C ASN A 125 -22.85 7.12 -20.40
N GLY A 126 -21.89 8.00 -20.61
CA GLY A 126 -21.88 8.82 -21.80
C GLY A 126 -22.52 10.19 -21.62
N LYS A 127 -22.60 10.71 -20.39
CA LYS A 127 -23.06 12.09 -20.18
CA LYS A 127 -23.06 12.08 -20.19
C LYS A 127 -22.03 13.03 -20.79
N ILE A 128 -20.79 12.57 -20.82
CA ILE A 128 -19.64 13.30 -21.32
C ILE A 128 -19.15 12.50 -22.52
N PRO A 129 -19.08 13.12 -23.72
CA PRO A 129 -18.45 12.40 -24.83
C PRO A 129 -17.03 12.04 -24.45
N TYR A 130 -16.48 10.99 -25.04
CA TYR A 130 -15.10 10.57 -24.77
C TYR A 130 -14.10 11.70 -24.94
N ASN A 131 -14.27 12.51 -25.98
N ASN A 131 -14.25 12.51 -25.99
CA ASN A 131 -13.34 13.61 -26.27
CA ASN A 131 -13.32 13.61 -26.22
C ASN A 131 -13.47 14.82 -25.31
C ASN A 131 -13.43 14.80 -25.27
N ARG A 132 -14.39 14.74 -24.34
CA ARG A 132 -14.38 15.73 -23.26
C ARG A 132 -13.82 15.21 -21.94
N ILE A 133 -13.29 13.99 -22.01
CA ILE A 133 -12.46 13.48 -20.93
C ILE A 133 -10.96 13.62 -21.27
N GLY A 134 -10.21 14.52 -20.60
CA GLY A 134 -8.79 14.70 -20.87
C GLY A 134 -7.96 13.74 -20.04
N ILE A 135 -6.97 13.12 -20.68
CA ILE A 135 -6.08 12.19 -20.01
C ILE A 135 -4.63 12.50 -20.36
N ARG A 136 -3.79 12.66 -19.34
CA ARG A 136 -2.34 12.80 -19.52
C ARG A 136 -1.69 11.50 -19.98
N ILE A 137 -1.14 11.55 -21.18
CA ILE A 137 -0.46 10.40 -21.75
CA ILE A 137 -0.46 10.39 -21.74
C ILE A 137 0.67 9.92 -20.82
N GLY A 138 0.82 8.61 -20.70
CA GLY A 138 1.93 8.03 -19.94
C GLY A 138 1.73 8.05 -18.44
N THR A 139 0.52 8.32 -18.00
CA THR A 139 0.15 8.17 -16.62
C THR A 139 -0.63 6.84 -16.43
N ALA A 140 -0.69 6.40 -15.20
CA ALA A 140 -1.45 5.21 -14.89
C ALA A 140 -2.93 5.43 -15.22
N GLY A 141 -3.40 6.67 -15.14
CA GLY A 141 -4.76 7.02 -15.46
C GLY A 141 -5.13 6.67 -16.90
N GLU A 142 -4.17 6.73 -17.79
CA GLU A 142 -4.40 6.35 -19.18
C GLU A 142 -4.81 4.89 -19.26
N ASP A 143 -4.12 4.02 -18.53
CA ASP A 143 -4.56 2.63 -18.61
C ASP A 143 -5.89 2.35 -17.92
N TYR A 144 -6.21 3.11 -16.87
CA TYR A 144 -7.53 3.02 -16.27
C TYR A 144 -8.60 3.39 -17.31
N TYR A 145 -8.40 4.51 -17.97
CA TYR A 145 -9.35 4.96 -18.98
C TYR A 145 -9.57 3.88 -20.02
N LEU A 146 -8.48 3.33 -20.55
CA LEU A 146 -8.57 2.39 -21.66
C LEU A 146 -9.28 1.09 -21.24
N ARG A 147 -9.12 0.66 -19.98
CA ARG A 147 -9.81 -0.53 -19.51
C ARG A 147 -11.27 -0.28 -19.10
N GLU A 148 -11.53 0.84 -18.43
CA GLU A 148 -12.81 1.05 -17.74
C GLU A 148 -13.83 1.91 -18.47
N ILE A 149 -13.36 2.79 -19.34
CA ILE A 149 -14.23 3.74 -20.02
CA ILE A 149 -14.24 3.72 -20.01
C ILE A 149 -14.39 3.40 -21.50
N SER A 150 -13.29 3.21 -22.21
CA SER A 150 -13.38 3.16 -23.68
C SER A 150 -13.17 1.81 -24.34
N GLY A 151 -13.03 0.74 -23.57
CA GLY A 151 -12.89 -0.58 -24.19
C GLY A 151 -11.66 -0.70 -25.07
N GLY A 152 -10.61 0.01 -24.66
CA GLY A 152 -9.31 -0.05 -25.32
C GLY A 152 -9.14 1.02 -26.39
N SER A 153 -10.19 1.76 -26.68
CA SER A 153 -10.10 2.79 -27.70
CA SER A 153 -10.12 2.77 -27.70
C SER A 153 -9.39 4.03 -27.21
N ARG A 154 -8.42 4.50 -27.98
CA ARG A 154 -7.65 5.68 -27.58
C ARG A 154 -8.34 6.99 -28.00
N ASN A 155 -9.47 7.25 -27.35
CA ASN A 155 -10.41 8.28 -27.79
C ASN A 155 -10.68 9.33 -26.72
N PHE A 156 -9.84 9.36 -25.67
CA PHE A 156 -9.83 10.50 -24.75
C PHE A 156 -9.21 11.72 -25.43
N TYR A 157 -9.36 12.92 -24.84
CA TYR A 157 -8.58 14.11 -25.27
C TYR A 157 -7.16 14.04 -24.68
N PRO A 158 -6.13 14.04 -25.54
CA PRO A 158 -4.76 13.77 -25.02
C PRO A 158 -4.13 15.02 -24.36
N LEU A 159 -3.47 14.85 -23.23
CA LEU A 159 -2.81 15.96 -22.52
C LEU A 159 -1.32 15.62 -22.33
N LYS A 160 -0.47 16.62 -22.55
CA LYS A 160 0.97 16.42 -22.46
CA LYS A 160 0.96 16.43 -22.46
C LYS A 160 1.56 16.76 -21.08
N SER A 161 0.76 17.36 -20.22
CA SER A 161 1.28 17.88 -18.93
C SER A 161 0.16 18.28 -18.01
N ARG A 162 0.49 18.43 -16.71
CA ARG A 162 -0.48 19.01 -15.79
C ARG A 162 -0.96 20.38 -16.24
N GLN A 163 -0.04 21.22 -16.69
CA GLN A 163 -0.43 22.54 -17.14
C GLN A 163 -1.47 22.47 -18.25
N GLU A 164 -1.31 21.58 -19.22
CA GLU A 164 -2.32 21.45 -20.27
C GLU A 164 -3.66 20.97 -19.68
N MET A 165 -3.61 20.08 -18.68
CA MET A 165 -4.82 19.63 -18.03
C MET A 165 -5.54 20.85 -17.43
N TYR A 166 -4.84 21.64 -16.60
CA TYR A 166 -5.49 22.78 -15.93
C TYR A 166 -6.05 23.75 -16.96
N ASP A 167 -5.23 24.10 -17.94
CA ASP A 167 -5.63 25.09 -18.95
C ASP A 167 -6.83 24.62 -19.78
N SER A 168 -6.89 23.33 -20.09
CA SER A 168 -7.97 22.82 -20.92
C SER A 168 -9.30 22.79 -20.16
N LEU A 169 -9.24 22.48 -18.87
CA LEU A 169 -10.41 22.60 -18.03
C LEU A 169 -10.86 24.05 -17.94
N LEU A 170 -9.94 24.95 -17.66
CA LEU A 170 -10.35 26.35 -17.46
C LEU A 170 -10.84 26.96 -18.75
N ALA A 171 -10.46 26.43 -19.91
CA ALA A 171 -10.85 26.99 -21.20
C ALA A 171 -12.09 26.32 -21.77
N GLY A 172 -12.63 25.34 -21.06
CA GLY A 172 -13.84 24.64 -21.47
C GLY A 172 -13.67 23.65 -22.60
N ILE A 173 -12.42 23.19 -22.81
CA ILE A 173 -12.14 22.23 -23.86
C ILE A 173 -12.45 20.81 -23.39
N ILE A 174 -12.18 20.54 -22.13
CA ILE A 174 -12.61 19.29 -21.53
C ILE A 174 -13.46 19.56 -20.30
N ASP A 175 -14.23 18.57 -19.88
CA ASP A 175 -15.04 18.71 -18.67
C ASP A 175 -14.42 18.04 -17.46
N VAL A 176 -13.60 17.00 -17.67
CA VAL A 176 -13.00 16.28 -16.55
C VAL A 176 -11.61 15.80 -16.95
N SER A 177 -10.78 15.58 -15.94
CA SER A 177 -9.60 14.71 -16.09
C SER A 177 -9.47 13.88 -14.82
N PHE A 178 -8.40 13.05 -14.74
CA PHE A 178 -8.11 12.24 -13.56
C PHE A 178 -6.79 12.74 -12.99
N MET A 179 -6.66 12.67 -11.68
CA MET A 179 -5.44 13.11 -11.00
C MET A 179 -5.29 12.38 -9.68
N ASP A 180 -4.08 11.97 -9.35
CA ASP A 180 -3.80 11.39 -8.05
C ASP A 180 -4.32 12.27 -6.93
N ILE A 181 -4.83 11.65 -5.88
CA ILE A 181 -5.53 12.40 -4.85
C ILE A 181 -4.64 13.36 -4.07
N GLY A 182 -3.42 12.98 -3.74
CA GLY A 182 -2.62 13.88 -2.92
C GLY A 182 -2.25 15.19 -3.57
N THR A 183 -1.73 15.10 -4.79
CA THR A 183 -1.44 16.31 -5.55
C THR A 183 -2.73 17.03 -6.03
N ALA A 184 -3.81 16.30 -6.32
CA ALA A 184 -5.07 16.93 -6.74
C ALA A 184 -5.60 17.80 -5.60
N GLU A 185 -5.56 17.28 -4.37
CA GLU A 185 -5.99 18.07 -3.22
C GLU A 185 -5.07 19.28 -3.06
N TYR A 186 -3.75 19.07 -3.14
CA TYR A 186 -2.84 20.18 -2.96
C TYR A 186 -3.14 21.31 -3.95
N VAL A 187 -3.21 20.97 -5.22
CA VAL A 187 -3.33 21.98 -6.26
CA VAL A 187 -3.33 22.01 -6.25
C VAL A 187 -4.68 22.69 -6.19
N THR A 188 -5.74 21.94 -5.95
CA THR A 188 -7.06 22.57 -5.87
C THR A 188 -7.26 23.34 -4.56
N ASN A 189 -6.48 23.02 -3.52
CA ASN A 189 -6.58 23.76 -2.25
C ASN A 189 -5.60 24.92 -2.14
N ASN A 190 -4.66 25.03 -3.07
CA ASN A 190 -3.61 26.06 -2.93
C ASN A 190 -3.29 26.88 -4.16
N ILE A 191 -3.60 26.39 -5.36
CA ILE A 191 -3.13 27.06 -6.59
C ILE A 191 -4.27 27.37 -7.52
N TYR A 192 -5.10 26.38 -7.83
CA TYR A 192 -6.26 26.54 -8.70
C TYR A 192 -7.55 26.46 -7.94
N CYS A 193 -7.92 27.60 -7.35
CA CYS A 193 -9.02 27.66 -6.43
C CYS A 193 -10.38 27.47 -7.12
N ASN A 194 -10.42 27.58 -8.44
CA ASN A 194 -11.66 27.40 -9.20
C ASN A 194 -11.78 26.04 -9.90
N LEU A 195 -10.85 25.15 -9.57
CA LEU A 195 -10.96 23.74 -9.96
C LEU A 195 -11.33 22.98 -8.70
N THR A 196 -11.88 21.79 -8.84
CA THR A 196 -12.32 20.98 -7.70
C THR A 196 -12.33 19.48 -8.04
N LEU A 197 -12.58 18.65 -7.02
CA LEU A 197 -12.63 17.20 -7.16
C LEU A 197 -14.03 16.73 -6.92
N VAL A 198 -14.40 15.61 -7.54
CA VAL A 198 -15.75 15.05 -7.38
C VAL A 198 -15.72 13.52 -7.42
N GLY A 199 -16.68 12.89 -6.75
CA GLY A 199 -16.85 11.47 -6.85
C GLY A 199 -16.03 10.70 -5.83
N GLU A 200 -16.25 9.39 -5.78
CA GLU A 200 -15.45 8.53 -4.92
C GLU A 200 -14.06 8.38 -5.50
N ASP A 201 -13.08 8.12 -4.67
N ASP A 201 -13.13 8.08 -4.62
CA ASP A 201 -11.78 7.88 -5.23
CA ASP A 201 -11.78 7.72 -5.00
C ASP A 201 -11.73 6.46 -5.80
C ASP A 201 -11.86 6.47 -5.90
N PHE A 202 -10.89 6.30 -6.79
CA PHE A 202 -10.81 5.08 -7.57
C PHE A 202 -9.36 4.70 -7.85
N ASP A 203 -9.17 3.48 -8.34
CA ASP A 203 -7.84 2.94 -8.65
C ASP A 203 -6.89 3.01 -7.47
N LYS A 204 -7.33 2.46 -6.35
CA LYS A 204 -6.50 2.33 -5.16
CA LYS A 204 -6.50 2.32 -5.16
C LYS A 204 -5.19 1.67 -5.55
N SER A 205 -4.10 2.32 -5.16
CA SER A 205 -2.80 1.95 -5.63
C SER A 205 -1.73 2.42 -4.64
N THR A 206 -0.47 2.33 -5.05
CA THR A 206 0.65 2.75 -4.22
C THR A 206 1.67 3.49 -5.04
N PHE A 207 2.50 4.27 -4.39
CA PHE A 207 3.69 4.85 -4.97
C PHE A 207 4.89 4.05 -4.45
N GLY A 208 5.84 3.75 -5.33
CA GLY A 208 7.06 3.02 -4.95
C GLY A 208 8.24 3.67 -5.58
N ILE A 209 9.40 3.42 -4.99
CA ILE A 209 10.66 3.82 -5.61
C ILE A 209 10.99 2.82 -6.73
N VAL A 210 11.28 3.33 -7.92
CA VAL A 210 11.61 2.49 -9.05
C VAL A 210 13.04 2.06 -8.94
N THR A 211 13.30 0.77 -9.15
CA THR A 211 14.65 0.21 -9.14
C THR A 211 14.79 -0.75 -10.33
N PRO A 212 16.01 -1.13 -10.65
CA PRO A 212 16.15 -2.18 -11.63
C PRO A 212 15.54 -3.49 -11.15
N LYS A 213 15.14 -4.35 -12.07
CA LYS A 213 14.76 -5.69 -11.67
C LYS A 213 15.97 -6.42 -11.09
N GLU A 214 15.70 -7.29 -10.14
CA GLU A 214 16.75 -8.12 -9.52
C GLU A 214 17.93 -7.30 -8.97
N TRP A 215 17.63 -6.19 -8.30
CA TRP A 215 18.64 -5.23 -7.88
C TRP A 215 19.41 -5.69 -6.67
N LEU A 216 20.71 -5.48 -6.69
CA LEU A 216 21.62 -5.87 -5.63
C LEU A 216 21.27 -5.25 -4.27
N TYR A 217 20.68 -4.06 -4.29
CA TYR A 217 20.46 -3.29 -3.08
C TYR A 217 19.00 -3.31 -2.60
N ALA A 218 18.17 -4.22 -3.12
CA ALA A 218 16.72 -4.19 -2.86
C ALA A 218 16.38 -4.25 -1.39
N LYS A 219 17.00 -5.17 -0.68
CA LYS A 219 16.68 -5.35 0.74
C LYS A 219 17.07 -4.12 1.54
N ASP A 220 18.25 -3.56 1.30
CA ASP A 220 18.68 -2.40 2.10
C ASP A 220 17.71 -1.25 1.95
N LEU A 221 17.26 -0.99 0.73
CA LEU A 221 16.35 0.12 0.51
C LEU A 221 15.01 -0.21 1.19
N ASP A 222 14.49 -1.40 0.98
CA ASP A 222 13.18 -1.76 1.54
C ASP A 222 13.15 -1.68 3.08
N VAL A 223 14.16 -2.26 3.73
CA VAL A 223 14.20 -2.22 5.19
C VAL A 223 14.20 -0.77 5.69
N ASN A 224 14.94 0.10 5.02
CA ASN A 224 14.98 1.47 5.42
C ASN A 224 13.69 2.23 5.16
N ILE A 225 13.03 2.00 4.03
CA ILE A 225 11.72 2.60 3.83
C ILE A 225 10.73 2.18 4.91
N LEU A 226 10.72 0.90 5.23
CA LEU A 226 9.77 0.38 6.24
C LEU A 226 10.08 0.96 7.62
N SER A 227 11.36 1.16 7.93
CA SER A 227 11.73 1.80 9.16
CA SER A 227 11.76 1.82 9.17
C SER A 227 11.25 3.25 9.20
N LEU A 228 11.37 4.00 8.10
CA LEU A 228 10.82 5.35 8.06
C LEU A 228 9.31 5.35 8.25
N ARG A 229 8.62 4.35 7.70
CA ARG A 229 7.19 4.21 7.89
CA ARG A 229 7.20 4.23 7.92
C ARG A 229 6.89 3.99 9.38
N GLU A 230 7.54 3.00 9.97
CA GLU A 230 7.24 2.57 11.33
C GLU A 230 7.50 3.67 12.34
N THR A 231 8.57 4.44 12.16
CA THR A 231 8.95 5.52 13.07
C THR A 231 8.22 6.85 12.83
N GLY A 232 7.30 6.87 11.88
CA GLY A 232 6.47 8.04 11.66
C GLY A 232 7.02 9.09 10.72
N ILE A 233 8.22 8.87 10.18
CA ILE A 233 8.85 9.86 9.32
C ILE A 233 8.05 10.12 8.04
N LEU A 234 7.53 9.06 7.43
CA LEU A 234 6.74 9.29 6.22
C LEU A 234 5.47 10.10 6.51
N ASP A 235 4.83 9.82 7.63
CA ASP A 235 3.65 10.58 8.01
C ASP A 235 4.02 12.04 8.29
N ASN A 236 5.15 12.28 8.95
CA ASN A 236 5.57 13.65 9.21
C ASN A 236 5.85 14.43 7.95
N LEU A 237 6.45 13.75 6.98
CA LEU A 237 6.77 14.38 5.72
C LEU A 237 5.52 14.72 4.94
N LYS A 238 4.56 13.80 4.95
CA LYS A 238 3.31 14.07 4.26
C LYS A 238 2.62 15.30 4.87
N LYS A 239 2.55 15.35 6.21
CA LYS A 239 1.93 16.47 6.88
C LYS A 239 2.64 17.78 6.54
N LYS A 240 3.97 17.75 6.56
CA LYS A 240 4.77 18.96 6.29
C LYS A 240 4.45 19.58 4.92
N TRP A 241 4.40 18.75 3.88
CA TRP A 241 4.25 19.24 2.53
C TRP A 241 2.80 19.37 2.06
N PHE A 242 1.88 18.59 2.62
CA PHE A 242 0.52 18.51 2.07
C PHE A 242 -0.57 19.11 2.93
N GLN A 243 -0.30 19.43 4.19
CA GLN A 243 -1.37 20.03 5.02
C GLN A 243 -1.92 21.43 4.63
N THR A 244 -1.22 22.15 3.80
CA THR A 244 -1.56 23.52 3.54
C THR A 244 -2.87 23.68 2.74
N LYS A 245 -3.62 24.74 3.01
CA LYS A 245 -4.82 25.08 2.26
C LYS A 245 -4.96 26.60 2.19
N ALA A 246 -4.44 27.19 1.11
CA ALA A 246 -4.40 28.65 0.91
C ALA A 246 -5.69 29.21 0.36
N CYS A 247 -6.43 28.44 -0.41
CA CYS A 247 -7.61 28.95 -1.11
C CYS A 247 -8.67 29.28 -0.08
N PRO A 248 -9.43 30.36 -0.31
CA PRO A 248 -10.41 30.79 0.69
C PRO A 248 -11.60 29.85 0.81
N GLY B 1 18.16 -14.20 -12.33
CA GLY B 1 17.25 -14.48 -13.41
C GLY B 1 15.83 -14.56 -12.89
N SER B 2 14.88 -14.82 -13.79
CA SER B 2 13.46 -14.95 -13.44
C SER B 2 12.80 -16.07 -14.25
N ALA B 3 11.64 -16.53 -13.79
CA ALA B 3 10.94 -17.61 -14.46
C ALA B 3 9.48 -17.61 -14.09
N ARG B 4 8.72 -18.46 -14.77
CA ARG B 4 7.29 -18.59 -14.53
C ARG B 4 6.94 -19.79 -13.62
N LEU B 5 5.88 -19.61 -12.84
CA LEU B 5 5.46 -20.63 -11.88
C LEU B 5 4.69 -21.83 -12.51
N LYS B 6 4.42 -21.81 -13.81
CA LYS B 6 3.61 -22.91 -14.40
C LYS B 6 4.12 -24.36 -14.18
N GLY B 7 3.28 -25.22 -13.58
CA GLY B 7 3.64 -26.63 -13.35
C GLY B 7 4.39 -26.95 -12.05
N ILE B 8 4.87 -25.90 -11.39
CA ILE B 8 5.68 -25.99 -10.17
C ILE B 8 4.76 -26.22 -8.97
N THR B 9 5.16 -27.05 -7.99
CA THR B 9 4.37 -27.20 -6.77
C THR B 9 4.89 -26.18 -5.77
N LEU B 10 4.00 -25.36 -5.23
CA LEU B 10 4.37 -24.40 -4.19
C LEU B 10 3.71 -24.84 -2.90
N ARG B 11 4.53 -24.94 -1.87
CA ARG B 11 4.06 -25.16 -0.52
C ARG B 11 3.66 -23.79 0.02
N ILE B 12 2.37 -23.57 0.23
CA ILE B 12 1.85 -22.27 0.58
C ILE B 12 1.41 -22.29 2.04
N GLY B 13 2.12 -21.55 2.89
CA GLY B 13 1.73 -21.44 4.28
C GLY B 13 0.57 -20.48 4.46
N VAL B 14 -0.41 -20.91 5.23
CA VAL B 14 -1.53 -20.06 5.63
C VAL B 14 -1.69 -20.13 7.15
N ILE B 15 -2.44 -19.18 7.70
CA ILE B 15 -2.58 -19.06 9.14
C ILE B 15 -4.03 -18.67 9.46
N GLU B 16 -4.62 -19.35 10.43
CA GLU B 16 -6.02 -19.13 10.73
CA GLU B 16 -6.01 -19.15 10.76
C GLU B 16 -6.30 -17.70 11.13
N SER B 17 -7.31 -17.12 10.49
CA SER B 17 -7.74 -15.77 10.77
C SER B 17 -9.04 -15.50 10.01
N VAL B 18 -10.18 -15.57 10.68
CA VAL B 18 -11.45 -15.38 9.97
CA VAL B 18 -11.47 -15.37 10.00
C VAL B 18 -11.60 -13.90 9.60
N PRO B 19 -12.07 -13.61 8.38
CA PRO B 19 -12.50 -14.47 7.26
C PRO B 19 -11.43 -14.61 6.17
N PHE B 20 -10.17 -14.31 6.49
CA PHE B 20 -9.07 -14.57 5.56
C PHE B 20 -8.86 -16.09 5.32
N THR B 21 -8.62 -16.85 6.39
CA THR B 21 -8.40 -18.27 6.33
C THR B 21 -9.26 -18.87 7.45
N ILE B 22 -10.28 -19.63 7.06
CA ILE B 22 -11.31 -20.16 7.94
C ILE B 22 -11.10 -21.67 7.95
N VAL B 23 -10.99 -22.25 9.14
CA VAL B 23 -10.67 -23.66 9.32
C VAL B 23 -11.89 -24.35 9.88
N ALA B 24 -12.45 -25.26 9.10
CA ALA B 24 -13.61 -26.02 9.55
C ALA B 24 -13.28 -27.49 9.75
N ASN B 25 -13.78 -28.04 10.85
CA ASN B 25 -13.73 -29.47 11.12
C ASN B 25 -14.91 -30.14 10.47
N VAL B 26 -14.59 -31.22 9.78
CA VAL B 26 -15.55 -32.08 9.12
C VAL B 26 -15.25 -33.54 9.46
N ILE B 27 -16.28 -34.39 9.49
CA ILE B 27 -16.10 -35.82 9.74
C ILE B 27 -16.55 -36.61 8.54
N THR B 34 -11.84 -34.55 9.03
CA THR B 34 -10.78 -33.80 8.35
C THR B 34 -11.05 -32.31 8.45
N THR B 35 -10.16 -31.51 7.87
CA THR B 35 -10.35 -30.06 7.87
C THR B 35 -10.55 -29.52 6.47
N LYS B 36 -11.33 -28.47 6.38
CA LYS B 36 -11.60 -27.81 5.11
CA LYS B 36 -11.57 -27.81 5.11
C LYS B 36 -11.28 -26.35 5.29
N LEU B 37 -10.56 -25.77 4.34
CA LEU B 37 -10.20 -24.35 4.42
C LEU B 37 -10.97 -23.53 3.42
N THR B 38 -11.42 -22.36 3.85
CA THR B 38 -12.12 -21.41 2.99
C THR B 38 -11.68 -19.99 3.37
N GLY B 39 -12.15 -19.01 2.62
CA GLY B 39 -11.93 -17.61 2.92
C GLY B 39 -11.26 -16.83 1.81
N TYR B 40 -11.06 -15.55 2.08
CA TYR B 40 -10.42 -14.65 1.13
C TYR B 40 -9.11 -15.25 0.61
N VAL B 41 -8.31 -15.81 1.51
CA VAL B 41 -6.97 -16.31 1.12
C VAL B 41 -7.09 -17.50 0.16
N LEU B 42 -8.03 -18.40 0.43
CA LEU B 42 -8.19 -19.56 -0.41
C LEU B 42 -8.73 -19.14 -1.77
N ASP B 43 -9.65 -18.17 -1.79
CA ASP B 43 -10.11 -17.67 -3.08
C ASP B 43 -8.98 -16.96 -3.88
N LEU B 44 -8.11 -16.23 -3.18
CA LEU B 44 -6.96 -15.57 -3.81
C LEU B 44 -6.02 -16.63 -4.39
N ILE B 45 -5.74 -17.68 -3.63
CA ILE B 45 -4.90 -18.74 -4.10
C ILE B 45 -5.49 -19.32 -5.37
N GLU B 46 -6.82 -19.52 -5.41
CA GLU B 46 -7.42 -20.06 -6.64
C GLU B 46 -7.25 -19.11 -7.84
N TYR B 47 -7.42 -17.80 -7.63
CA TYR B 47 -7.21 -16.83 -8.73
C TYR B 47 -5.79 -16.92 -9.24
N LEU B 48 -4.81 -16.99 -8.33
CA LEU B 48 -3.43 -17.09 -8.73
C LEU B 48 -3.11 -18.43 -9.42
N ARG B 49 -3.65 -19.51 -8.89
CA ARG B 49 -3.41 -20.85 -9.46
C ARG B 49 -3.94 -20.94 -10.86
N ASP B 50 -5.15 -20.46 -11.04
CA ASP B 50 -5.80 -20.54 -12.35
C ASP B 50 -5.03 -19.71 -13.40
N LYS B 51 -4.51 -18.54 -12.99
CA LYS B 51 -3.73 -17.71 -13.93
C LYS B 51 -2.29 -18.16 -14.14
N MET B 52 -1.64 -18.65 -13.09
CA MET B 52 -0.20 -18.89 -13.12
C MET B 52 0.18 -20.35 -13.32
N GLY B 53 -0.73 -21.26 -12.98
CA GLY B 53 -0.52 -22.67 -13.33
C GLY B 53 0.30 -23.49 -12.37
N PHE B 54 0.66 -22.97 -11.21
CA PHE B 54 1.35 -23.78 -10.20
C PHE B 54 0.39 -24.80 -9.58
N VAL B 55 0.95 -25.82 -8.90
CA VAL B 55 0.13 -26.69 -8.05
C VAL B 55 0.21 -26.15 -6.64
N ALA B 56 -0.95 -25.87 -6.06
CA ALA B 56 -1.01 -25.28 -4.73
C ALA B 56 -1.05 -26.37 -3.67
N ASP B 57 -0.03 -26.44 -2.84
CA ASP B 57 0.03 -27.35 -1.69
C ASP B 57 -0.15 -26.48 -0.44
N VAL B 58 -1.40 -26.28 -0.06
CA VAL B 58 -1.72 -25.34 1.00
C VAL B 58 -1.51 -26.02 2.37
N GLN B 59 -0.73 -25.37 3.23
CA GLN B 59 -0.39 -25.95 4.52
CA GLN B 59 -0.38 -25.95 4.52
C GLN B 59 -0.72 -24.96 5.64
N LEU B 60 -1.65 -25.34 6.49
CA LEU B 60 -2.07 -24.53 7.64
C LEU B 60 -1.01 -24.58 8.73
N ALA B 61 -0.60 -23.41 9.21
CA ALA B 61 0.34 -23.31 10.35
C ALA B 61 -0.30 -23.90 11.60
N PRO B 62 0.49 -24.56 12.42
CA PRO B 62 0.02 -25.14 13.68
C PRO B 62 -0.69 -24.13 14.55
N PRO B 63 -1.55 -24.64 15.44
CA PRO B 63 -2.16 -23.72 16.38
C PRO B 63 -1.11 -22.97 17.18
N ASN B 64 -1.47 -21.71 17.44
CA ASN B 64 -0.68 -20.77 18.24
C ASN B 64 0.59 -20.27 17.57
N THR B 65 0.84 -20.69 16.32
CA THR B 65 1.91 -20.08 15.50
C THR B 65 1.65 -18.60 15.42
N SER B 66 2.68 -17.79 15.68
CA SER B 66 2.56 -16.36 15.56
C SER B 66 2.86 -15.95 14.11
N TYR B 67 2.58 -14.71 13.80
CA TYR B 67 2.81 -14.23 12.46
C TYR B 67 4.32 -14.14 12.17
N THR B 68 5.11 -13.65 13.12
CA THR B 68 6.54 -13.68 12.93
C THR B 68 7.04 -15.13 12.91
N GLY B 69 6.42 -16.03 13.65
CA GLY B 69 6.79 -17.43 13.58
C GLY B 69 6.58 -18.03 12.19
N LEU B 70 5.49 -17.68 11.53
CA LEU B 70 5.23 -18.15 10.18
C LEU B 70 6.32 -17.65 9.23
N VAL B 71 6.71 -16.40 9.36
CA VAL B 71 7.77 -15.82 8.54
C VAL B 71 9.10 -16.53 8.79
N LEU B 72 9.44 -16.77 10.06
CA LEU B 72 10.65 -17.51 10.37
C LEU B 72 10.63 -18.92 9.78
N ALA B 73 9.49 -19.61 9.87
CA ALA B 73 9.38 -20.95 9.30
C ALA B 73 9.62 -20.92 7.80
N LEU B 74 9.09 -19.91 7.09
CA LEU B 74 9.35 -19.82 5.66
C LEU B 74 10.84 -19.54 5.40
N ALA B 75 11.45 -18.65 6.19
CA ALA B 75 12.88 -18.36 6.02
C ALA B 75 13.74 -19.61 6.24
N ASN B 76 13.27 -20.50 7.11
CA ASN B 76 13.96 -21.75 7.36
C ASN B 76 13.72 -22.82 6.32
N GLY B 77 12.84 -22.56 5.35
CA GLY B 77 12.59 -23.51 4.26
C GLY B 77 11.34 -24.38 4.39
N ASP B 78 10.47 -24.07 5.36
CA ASP B 78 9.30 -24.91 5.62
C ASP B 78 8.16 -24.67 4.62
N TYR B 79 8.18 -23.52 3.96
CA TYR B 79 7.19 -23.17 2.96
C TYR B 79 7.91 -22.50 1.84
N ASP B 80 7.26 -22.41 0.69
CA ASP B 80 7.79 -21.63 -0.42
C ASP B 80 7.28 -20.19 -0.39
N ILE B 81 5.99 -20.00 -0.14
CA ILE B 81 5.40 -18.67 0.04
C ILE B 81 4.43 -18.78 1.19
N ALA B 82 4.01 -17.63 1.70
CA ALA B 82 3.00 -17.58 2.75
C ALA B 82 2.02 -16.45 2.42
N ILE B 83 0.74 -16.77 2.48
CA ILE B 83 -0.31 -15.84 2.12
C ILE B 83 -1.27 -15.69 3.27
N GLY B 84 -1.53 -14.43 3.66
CA GLY B 84 -2.44 -14.15 4.74
C GLY B 84 -2.49 -12.68 5.03
N ASP B 85 -3.06 -12.36 6.18
CA ASP B 85 -3.07 -11.01 6.75
C ASP B 85 -1.77 -10.77 7.45
N ILE B 86 -0.70 -10.75 6.66
CA ILE B 86 0.67 -10.67 7.15
C ILE B 86 1.25 -9.29 6.86
N THR B 87 1.47 -8.52 7.94
CA THR B 87 1.97 -7.16 7.84
C THR B 87 3.42 -7.11 7.35
N VAL B 88 3.68 -6.22 6.40
CA VAL B 88 5.04 -5.98 5.93
C VAL B 88 5.77 -5.12 6.95
N THR B 89 6.83 -5.63 7.54
CA THR B 89 7.59 -4.88 8.53
C THR B 89 9.06 -4.90 8.20
N SER B 90 9.80 -3.93 8.73
CA SER B 90 11.23 -3.83 8.49
CA SER B 90 11.23 -3.83 8.49
C SER B 90 11.98 -5.05 9.01
N ALA B 91 11.63 -5.52 10.19
CA ALA B 91 12.34 -6.69 10.75
C ALA B 91 12.05 -7.94 9.96
N ARG B 92 10.84 -8.08 9.42
CA ARG B 92 10.57 -9.27 8.59
C ARG B 92 11.28 -9.16 7.24
N ARG B 93 11.34 -7.96 6.68
CA ARG B 93 11.96 -7.73 5.38
C ARG B 93 13.45 -8.01 5.40
N GLU B 94 14.05 -7.98 6.58
CA GLU B 94 15.45 -8.37 6.68
CA GLU B 94 15.46 -8.35 6.70
C GLU B 94 15.67 -9.84 6.28
N ILE B 95 14.67 -10.70 6.48
CA ILE B 95 14.80 -12.15 6.27
C ILE B 95 13.97 -12.82 5.17
N VAL B 96 12.94 -12.12 4.70
CA VAL B 96 12.08 -12.57 3.60
C VAL B 96 11.79 -11.37 2.72
N ALA B 97 11.37 -11.66 1.49
CA ALA B 97 10.80 -10.61 0.65
C ALA B 97 9.28 -10.61 0.75
N PHE B 98 8.68 -9.51 0.32
CA PHE B 98 7.25 -9.45 0.22
C PHE B 98 6.85 -9.08 -1.19
N SER B 99 5.73 -9.63 -1.62
CA SER B 99 5.12 -9.20 -2.89
C SER B 99 4.61 -7.77 -2.76
N ASN B 100 4.21 -7.22 -3.89
CA ASN B 100 3.37 -6.03 -3.87
CA ASN B 100 3.37 -6.06 -3.90
C ASN B 100 2.20 -6.23 -2.93
N SER B 101 1.77 -5.15 -2.32
CA SER B 101 0.76 -5.29 -1.29
CA SER B 101 0.75 -5.24 -1.32
C SER B 101 -0.56 -5.80 -1.87
N ILE B 102 -1.20 -6.69 -1.10
CA ILE B 102 -2.54 -7.18 -1.41
C ILE B 102 -3.63 -6.35 -0.74
N SER B 103 -3.29 -5.55 0.27
CA SER B 103 -4.28 -4.74 0.98
C SER B 103 -3.55 -3.68 1.80
N ASP B 104 -4.20 -2.54 1.99
CA ASP B 104 -3.80 -1.64 3.03
C ASP B 104 -4.25 -2.21 4.40
N ASN B 105 -3.76 -1.61 5.46
CA ASN B 105 -4.04 -2.06 6.80
C ASN B 105 -3.82 -0.91 7.75
N SER B 106 -4.42 -1.04 8.92
CA SER B 106 -4.13 -0.22 10.09
C SER B 106 -4.65 -1.02 11.26
N MET B 107 -4.40 -0.52 12.48
CA MET B 107 -4.85 -1.23 13.69
C MET B 107 -5.80 -0.38 14.47
N ARG B 108 -6.58 -1.08 15.30
CA ARG B 108 -7.53 -0.45 16.23
C ARG B 108 -7.34 -1.01 17.63
N ILE B 109 -7.81 -0.24 18.59
CA ILE B 109 -7.88 -0.64 19.97
C ILE B 109 -9.16 -1.46 20.23
N LEU B 110 -8.96 -2.66 20.74
CA LEU B 110 -10.01 -3.64 21.04
C LEU B 110 -10.24 -3.76 22.55
N MET B 111 -11.50 -3.68 22.98
CA MET B 111 -11.78 -3.84 24.41
C MET B 111 -13.16 -4.48 24.61
N ARG B 112 -13.50 -4.80 25.86
CA ARG B 112 -14.82 -5.24 26.19
C ARG B 112 -15.73 -4.00 26.34
N LYS B 113 -16.96 -4.10 25.87
CA LYS B 113 -17.90 -3.00 26.09
C LYS B 113 -18.01 -2.67 27.57
N GLY B 114 -18.03 -1.39 27.89
CA GLY B 114 -18.14 -0.93 29.28
C GLY B 114 -16.81 -0.57 29.93
N THR B 115 -15.69 -0.90 29.28
CA THR B 115 -14.40 -0.48 29.76
C THR B 115 -14.18 1.03 29.50
N LEU B 116 -13.61 1.73 30.47
CA LEU B 116 -13.49 3.18 30.36
C LEU B 116 -12.17 3.57 29.72
N ILE B 117 -12.08 3.29 28.42
CA ILE B 117 -10.99 3.72 27.56
C ILE B 117 -11.57 4.52 26.39
N ASP B 118 -11.01 5.69 26.12
CA ASP B 118 -11.49 6.54 25.02
C ASP B 118 -10.58 6.54 23.82
N GLY B 119 -9.33 6.11 24.00
CA GLY B 119 -8.41 6.06 22.88
C GLY B 119 -6.97 5.83 23.33
N MET B 120 -6.06 6.03 22.39
CA MET B 120 -4.66 5.71 22.63
C MET B 120 -4.01 6.57 23.71
N ASP B 121 -4.47 7.80 23.89
CA ASP B 121 -3.88 8.63 24.95
C ASP B 121 -4.00 7.97 26.32
N ASP B 122 -5.05 7.20 26.57
CA ASP B 122 -5.21 6.54 27.86
C ASP B 122 -4.10 5.53 28.09
N LEU B 123 -3.69 4.83 27.04
CA LEU B 123 -2.58 3.91 27.18
C LEU B 123 -1.24 4.64 27.34
N LYS B 124 -1.06 5.71 26.60
CA LYS B 124 0.19 6.46 26.60
C LYS B 124 0.37 7.30 27.84
N ASN B 125 -0.73 7.57 28.53
CA ASN B 125 -0.70 8.38 29.74
C ASN B 125 -0.80 7.56 31.01
N GLY B 126 -0.69 6.25 30.90
CA GLY B 126 -0.61 5.41 32.08
C GLY B 126 -1.91 5.13 32.79
N LYS B 127 -3.03 5.30 32.11
CA LYS B 127 -4.32 5.08 32.75
C LYS B 127 -4.62 3.58 32.92
N ILE B 128 -3.97 2.74 32.12
CA ILE B 128 -4.16 1.29 32.20
C ILE B 128 -2.88 0.67 32.69
N PRO B 129 -2.96 -0.21 33.71
CA PRO B 129 -1.72 -0.91 34.12
C PRO B 129 -1.09 -1.67 32.96
N TYR B 130 0.23 -1.59 32.75
CA TYR B 130 0.85 -2.22 31.57
C TYR B 130 0.53 -3.69 31.51
N ASN B 131 0.49 -4.36 32.65
CA ASN B 131 0.20 -5.79 32.67
C ASN B 131 -1.28 -6.13 32.43
N ARG B 132 -2.09 -5.13 32.14
CA ARG B 132 -3.47 -5.37 31.69
C ARG B 132 -3.66 -4.91 30.24
N ILE B 133 -2.57 -4.59 29.55
CA ILE B 133 -2.60 -4.39 28.11
C ILE B 133 -2.14 -5.71 27.52
N GLY B 134 -3.04 -6.42 26.83
CA GLY B 134 -2.66 -7.69 26.22
C GLY B 134 -2.09 -7.46 24.84
N ILE B 135 -1.01 -8.16 24.54
CA ILE B 135 -0.36 -8.08 23.20
C ILE B 135 -0.03 -9.48 22.73
N ARG B 136 -0.51 -9.83 21.54
CA ARG B 136 -0.12 -11.08 20.89
C ARG B 136 1.34 -10.96 20.45
N ILE B 137 2.15 -11.84 20.98
CA ILE B 137 3.56 -11.78 20.64
C ILE B 137 3.75 -12.24 19.21
N GLY B 138 4.75 -11.67 18.56
CA GLY B 138 5.00 -12.06 17.19
C GLY B 138 4.05 -11.42 16.21
N THR B 139 3.47 -10.29 16.59
CA THR B 139 2.65 -9.49 15.72
C THR B 139 3.25 -8.10 15.56
N ALA B 140 2.85 -7.40 14.51
CA ALA B 140 3.28 -6.01 14.32
C ALA B 140 2.81 -5.09 15.47
N GLY B 141 1.69 -5.43 16.09
CA GLY B 141 1.19 -4.66 17.22
C GLY B 141 2.12 -4.70 18.40
N GLU B 142 2.84 -5.80 18.57
CA GLU B 142 3.87 -5.85 19.60
C GLU B 142 4.94 -4.79 19.34
N ASP B 143 5.32 -4.68 18.08
CA ASP B 143 6.31 -3.68 17.71
C ASP B 143 5.86 -2.28 17.99
N TYR B 144 4.60 -2.00 17.67
CA TYR B 144 4.03 -0.69 17.89
C TYR B 144 4.05 -0.41 19.39
N TYR B 145 3.64 -1.39 20.19
CA TYR B 145 3.61 -1.26 21.66
C TYR B 145 4.99 -0.88 22.19
N LEU B 146 6.01 -1.64 21.80
CA LEU B 146 7.35 -1.40 22.32
C LEU B 146 7.87 -0.03 21.89
N ARG B 147 7.61 0.38 20.63
N ARG B 147 7.56 0.43 20.69
CA ARG B 147 7.98 1.73 20.13
CA ARG B 147 8.06 1.74 20.25
C ARG B 147 7.31 2.85 20.96
C ARG B 147 7.29 2.95 20.78
N GLU B 148 5.98 2.80 20.96
CA GLU B 148 5.14 3.95 21.23
C GLU B 148 4.55 4.02 22.62
N ILE B 149 4.40 2.88 23.28
CA ILE B 149 3.79 2.83 24.61
C ILE B 149 4.80 2.66 25.72
N SER B 150 5.66 1.64 25.63
CA SER B 150 6.47 1.25 26.81
C SER B 150 7.97 1.59 26.77
N GLY B 151 8.40 2.35 25.77
CA GLY B 151 9.79 2.75 25.73
C GLY B 151 10.70 1.56 25.62
N GLY B 152 10.23 0.52 24.96
CA GLY B 152 11.03 -0.65 24.70
C GLY B 152 10.92 -1.75 25.73
N SER B 153 10.13 -1.53 26.78
CA SER B 153 9.98 -2.52 27.86
C SER B 153 8.89 -3.56 27.54
N ARG B 154 9.22 -4.84 27.63
N ARG B 154 9.24 -4.82 27.79
CA ARG B 154 8.21 -5.88 27.38
CA ARG B 154 8.35 -5.95 27.59
C ARG B 154 7.37 -6.15 28.65
C ARG B 154 7.38 -6.16 28.73
N ASN B 155 6.51 -5.19 28.97
CA ASN B 155 5.72 -5.21 30.19
C ASN B 155 4.24 -5.39 30.01
N PHE B 156 3.86 -5.82 28.82
CA PHE B 156 2.49 -6.17 28.49
C PHE B 156 2.14 -7.56 28.99
N TYR B 157 0.86 -7.89 28.97
CA TYR B 157 0.38 -9.25 29.18
C TYR B 157 0.49 -10.03 27.87
N PRO B 158 1.35 -11.06 27.81
CA PRO B 158 1.56 -11.72 26.52
C PRO B 158 0.38 -12.65 26.17
N LEU B 159 0.08 -12.68 24.88
CA LEU B 159 -1.00 -13.51 24.35
C LEU B 159 -0.51 -14.38 23.22
N LYS B 160 -0.99 -15.61 23.18
CA LYS B 160 -0.48 -16.60 22.22
C LYS B 160 -1.30 -16.71 20.93
N SER B 161 -2.48 -16.11 20.93
CA SER B 161 -3.42 -16.25 19.82
C SER B 161 -4.57 -15.30 19.96
N ARG B 162 -5.34 -15.13 18.90
CA ARG B 162 -6.56 -14.34 18.97
C ARG B 162 -7.53 -14.92 19.98
N GLN B 163 -7.68 -16.24 20.05
CA GLN B 163 -8.60 -16.85 20.99
C GLN B 163 -8.23 -16.44 22.43
N GLU B 164 -6.94 -16.43 22.76
CA GLU B 164 -6.55 -16.03 24.12
C GLU B 164 -6.87 -14.54 24.35
N MET B 165 -6.67 -13.73 23.31
CA MET B 165 -7.01 -12.31 23.39
C MET B 165 -8.50 -12.13 23.72
N TYR B 166 -9.36 -12.82 23.00
CA TYR B 166 -10.80 -12.67 23.21
C TYR B 166 -11.16 -13.19 24.59
N ASP B 167 -10.67 -14.37 24.92
CA ASP B 167 -11.02 -14.98 26.21
C ASP B 167 -10.58 -14.08 27.36
N SER B 168 -9.38 -13.50 27.25
CA SER B 168 -8.83 -12.70 28.32
C SER B 168 -9.62 -11.38 28.49
N LEU B 169 -10.04 -10.79 27.37
CA LEU B 169 -10.87 -9.57 27.43
C LEU B 169 -12.22 -9.89 28.08
N LEU B 170 -12.82 -10.99 27.65
CA LEU B 170 -14.16 -11.31 28.15
C LEU B 170 -14.12 -11.67 29.63
N ALA B 171 -13.04 -12.28 30.11
CA ALA B 171 -12.89 -12.67 31.50
C ALA B 171 -12.35 -11.55 32.41
N GLY B 172 -11.97 -10.42 31.83
CA GLY B 172 -11.50 -9.28 32.60
C GLY B 172 -10.07 -9.44 33.08
N ILE B 173 -9.32 -10.32 32.44
CA ILE B 173 -7.90 -10.52 32.73
C ILE B 173 -7.02 -9.41 32.14
N ILE B 174 -7.42 -8.92 30.98
CA ILE B 174 -6.82 -7.73 30.40
C ILE B 174 -7.92 -6.71 30.11
N ASP B 175 -7.52 -5.46 29.99
CA ASP B 175 -8.49 -4.39 29.68
C ASP B 175 -8.56 -4.03 28.18
N VAL B 176 -7.49 -4.27 27.44
CA VAL B 176 -7.42 -3.78 26.07
C VAL B 176 -6.37 -4.60 25.31
N SER B 177 -6.50 -4.62 23.99
CA SER B 177 -5.45 -5.13 23.11
C SER B 177 -5.52 -4.35 21.78
N PHE B 178 -4.67 -4.73 20.83
CA PHE B 178 -4.61 -4.12 19.49
C PHE B 178 -4.97 -5.18 18.47
N MET B 179 -5.61 -4.79 17.36
CA MET B 179 -5.94 -5.74 16.31
C MET B 179 -6.07 -5.02 14.96
N ASP B 180 -5.63 -5.69 13.88
CA ASP B 180 -5.79 -5.14 12.54
C ASP B 180 -7.26 -4.77 12.28
N ILE B 181 -7.48 -3.69 11.55
CA ILE B 181 -8.81 -3.13 11.39
C ILE B 181 -9.78 -4.04 10.65
N GLY B 182 -9.36 -4.71 9.58
CA GLY B 182 -10.32 -5.49 8.80
C GLY B 182 -10.92 -6.64 9.59
N THR B 183 -10.05 -7.40 10.24
CA THR B 183 -10.51 -8.52 11.04
C THR B 183 -11.11 -8.03 12.36
N ALA B 184 -10.62 -6.93 12.92
CA ALA B 184 -11.27 -6.37 14.12
C ALA B 184 -12.72 -5.97 13.88
N GLU B 185 -12.95 -5.30 12.76
CA GLU B 185 -14.31 -4.96 12.38
C GLU B 185 -15.10 -6.23 12.19
N TYR B 186 -14.54 -7.22 11.50
CA TYR B 186 -15.29 -8.45 11.21
C TYR B 186 -15.72 -9.12 12.52
N VAL B 187 -14.78 -9.31 13.44
CA VAL B 187 -15.04 -10.06 14.67
CA VAL B 187 -15.11 -10.09 14.63
C VAL B 187 -16.01 -9.32 15.58
N THR B 188 -15.84 -8.00 15.70
CA THR B 188 -16.76 -7.23 16.57
C THR B 188 -18.12 -7.02 15.95
N ASN B 189 -18.25 -7.16 14.64
CA ASN B 189 -19.55 -7.01 13.98
C ASN B 189 -20.25 -8.33 13.76
N ASN B 190 -19.56 -9.45 13.96
CA ASN B 190 -20.12 -10.76 13.62
C ASN B 190 -20.02 -11.86 14.65
N ILE B 191 -19.04 -11.82 15.53
CA ILE B 191 -18.76 -12.93 16.42
C ILE B 191 -18.87 -12.54 17.89
N TYR B 192 -18.18 -11.46 18.29
CA TYR B 192 -18.15 -10.99 19.69
C TYR B 192 -18.84 -9.65 19.83
N CYS B 193 -20.15 -9.70 19.97
CA CYS B 193 -20.95 -8.50 20.05
C CYS B 193 -20.71 -7.70 21.33
N ASN B 194 -20.06 -8.30 22.34
CA ASN B 194 -19.72 -7.58 23.57
C ASN B 194 -18.31 -7.04 23.59
N LEU B 195 -17.59 -7.22 22.49
CA LEU B 195 -16.31 -6.54 22.29
C LEU B 195 -16.52 -5.36 21.34
N THR B 196 -15.65 -4.35 21.42
CA THR B 196 -15.84 -3.15 20.60
C THR B 196 -14.49 -2.49 20.30
N LEU B 197 -14.48 -1.56 19.35
CA LEU B 197 -13.28 -0.83 18.94
C LEU B 197 -13.42 0.62 19.40
N VAL B 198 -12.31 1.23 19.78
CA VAL B 198 -12.34 2.60 20.24
C VAL B 198 -11.15 3.35 19.69
N GLY B 199 -11.30 4.65 19.49
CA GLY B 199 -10.19 5.50 19.14
C GLY B 199 -9.92 5.56 17.65
N GLU B 200 -8.92 6.36 17.32
CA GLU B 200 -8.46 6.48 15.94
C GLU B 200 -7.68 5.25 15.52
N ASP B 201 -7.66 4.95 14.22
CA ASP B 201 -6.80 3.88 13.79
C ASP B 201 -5.35 4.35 13.77
N PHE B 202 -4.44 3.39 13.77
CA PHE B 202 -3.00 3.69 13.94
C PHE B 202 -2.17 2.66 13.17
N ASP B 203 -0.89 2.96 13.00
CA ASP B 203 0.07 2.07 12.37
C ASP B 203 -0.37 1.70 10.95
N LYS B 204 -0.63 2.70 10.14
CA LYS B 204 -1.00 2.46 8.75
CA LYS B 204 -1.00 2.46 8.75
C LYS B 204 0.10 1.63 8.09
N SER B 205 -0.32 0.57 7.40
CA SER B 205 0.63 -0.44 6.96
C SER B 205 0.04 -1.22 5.77
N THR B 206 0.71 -2.30 5.36
CA THR B 206 0.25 -3.10 4.23
C THR B 206 0.39 -4.59 4.55
N PHE B 207 -0.38 -5.42 3.86
CA PHE B 207 -0.22 -6.87 3.85
C PHE B 207 0.44 -7.26 2.55
N GLY B 208 1.34 -8.23 2.59
CA GLY B 208 1.99 -8.74 1.37
C GLY B 208 2.18 -10.23 1.49
N ILE B 209 2.37 -10.89 0.34
CA ILE B 209 2.67 -12.32 0.29
C ILE B 209 4.14 -12.49 0.58
N VAL B 210 4.46 -13.36 1.53
CA VAL B 210 5.84 -13.62 1.91
C VAL B 210 6.50 -14.56 0.91
N THR B 211 7.70 -14.23 0.48
CA THR B 211 8.43 -15.08 -0.47
C THR B 211 9.88 -15.14 0.00
N PRO B 212 10.65 -16.10 -0.51
CA PRO B 212 12.07 -16.03 -0.19
C PRO B 212 12.66 -14.74 -0.73
N LYS B 213 13.77 -14.30 -0.13
CA LYS B 213 14.53 -13.21 -0.70
C LYS B 213 15.13 -13.64 -2.04
N GLU B 214 15.21 -12.68 -2.96
CA GLU B 214 15.81 -12.89 -4.30
C GLU B 214 15.18 -14.08 -5.04
N TRP B 215 13.85 -14.14 -4.96
CA TRP B 215 13.11 -15.31 -5.44
C TRP B 215 13.02 -15.32 -6.96
N LEU B 216 13.19 -16.48 -7.57
CA LEU B 216 13.14 -16.60 -9.01
C LEU B 216 11.84 -16.13 -9.62
N TYR B 217 10.75 -16.27 -8.88
CA TYR B 217 9.41 -16.04 -9.41
C TYR B 217 8.80 -14.70 -8.97
N ALA B 218 9.63 -13.78 -8.49
CA ALA B 218 9.13 -12.52 -7.90
C ALA B 218 8.32 -11.69 -8.87
N LYS B 219 8.85 -11.50 -10.07
CA LYS B 219 8.16 -10.65 -11.04
C LYS B 219 6.82 -11.25 -11.45
N ASP B 220 6.80 -12.56 -11.71
CA ASP B 220 5.57 -13.25 -12.11
CA ASP B 220 5.57 -13.20 -12.10
C ASP B 220 4.48 -13.02 -11.04
N LEU B 221 4.82 -13.23 -9.77
CA LEU B 221 3.84 -13.06 -8.71
C LEU B 221 3.37 -11.59 -8.63
N ASP B 222 4.32 -10.66 -8.67
CA ASP B 222 3.99 -9.24 -8.52
C ASP B 222 3.08 -8.75 -9.66
N VAL B 223 3.42 -9.10 -10.89
CA VAL B 223 2.59 -8.68 -12.02
C VAL B 223 1.17 -9.20 -11.85
N ASN B 224 1.04 -10.44 -11.40
CA ASN B 224 -0.27 -11.02 -11.21
C ASN B 224 -1.05 -10.36 -10.08
N ILE B 225 -0.41 -10.06 -8.96
CA ILE B 225 -1.11 -9.35 -7.88
CA ILE B 225 -1.11 -9.36 -7.87
C ILE B 225 -1.57 -7.99 -8.35
N LEU B 226 -0.70 -7.27 -9.03
CA LEU B 226 -1.05 -5.94 -9.50
C LEU B 226 -2.20 -5.99 -10.49
N SER B 227 -2.24 -7.03 -11.34
CA SER B 227 -3.37 -7.16 -12.24
CA SER B 227 -3.38 -7.17 -12.24
C SER B 227 -4.69 -7.42 -11.49
N LEU B 228 -4.65 -8.28 -10.47
CA LEU B 228 -5.84 -8.54 -9.64
C LEU B 228 -6.29 -7.25 -8.96
N ARG B 229 -5.35 -6.42 -8.53
CA ARG B 229 -5.71 -5.15 -7.92
CA ARG B 229 -5.71 -5.14 -7.92
C ARG B 229 -6.38 -4.22 -8.93
N GLU B 230 -5.71 -4.03 -10.05
CA GLU B 230 -6.17 -3.09 -11.06
C GLU B 230 -7.55 -3.45 -11.62
N THR B 231 -7.82 -4.73 -11.81
CA THR B 231 -9.08 -5.17 -12.39
C THR B 231 -10.21 -5.33 -11.37
N GLY B 232 -9.94 -5.04 -10.12
CA GLY B 232 -10.95 -5.01 -9.09
C GLY B 232 -11.23 -6.32 -8.39
N ILE B 233 -10.47 -7.36 -8.72
CA ILE B 233 -10.67 -8.65 -8.07
C ILE B 233 -10.42 -8.64 -6.56
N LEU B 234 -9.36 -7.95 -6.13
CA LEU B 234 -9.09 -7.90 -4.71
C LEU B 234 -10.20 -7.16 -3.96
N ASP B 235 -10.71 -6.10 -4.57
CA ASP B 235 -11.83 -5.37 -3.98
C ASP B 235 -13.08 -6.25 -3.88
N ASN B 236 -13.36 -7.02 -4.93
CA ASN B 236 -14.48 -7.96 -4.91
C ASN B 236 -14.34 -9.00 -3.82
N LEU B 237 -13.14 -9.54 -3.65
CA LEU B 237 -12.92 -10.56 -2.62
C LEU B 237 -13.11 -9.95 -1.24
N LYS B 238 -12.63 -8.72 -1.05
CA LYS B 238 -12.80 -8.07 0.23
C LYS B 238 -14.29 -7.88 0.56
N LYS B 239 -15.06 -7.40 -0.41
CA LYS B 239 -16.50 -7.27 -0.20
C LYS B 239 -17.17 -8.61 0.12
N LYS B 240 -16.81 -9.64 -0.63
CA LYS B 240 -17.47 -10.95 -0.48
C LYS B 240 -17.27 -11.48 0.96
N TRP B 241 -16.05 -11.37 1.47
CA TRP B 241 -15.74 -11.96 2.77
C TRP B 241 -15.94 -11.02 3.97
N PHE B 242 -15.86 -9.71 3.78
CA PHE B 242 -15.87 -8.79 4.92
C PHE B 242 -17.12 -7.94 5.06
N GLN B 243 -17.90 -7.78 3.98
CA GLN B 243 -19.04 -6.87 4.07
C GLN B 243 -20.26 -7.62 4.62
N THR B 244 -20.24 -7.85 5.92
CA THR B 244 -21.27 -8.60 6.61
C THR B 244 -21.27 -8.19 8.07
N LYS B 245 -22.47 -8.11 8.65
CA LYS B 245 -22.62 -7.78 10.06
CA LYS B 245 -22.62 -7.75 10.06
C LYS B 245 -23.79 -8.53 10.65
N ALA B 246 -23.55 -9.28 11.71
CA ALA B 246 -24.65 -10.00 12.32
C ALA B 246 -25.10 -9.38 13.63
N CYS B 247 -24.18 -8.76 14.33
CA CYS B 247 -24.48 -8.22 15.66
C CYS B 247 -25.53 -7.13 15.54
N PRO B 248 -26.42 -7.07 16.53
CA PRO B 248 -27.49 -6.07 16.42
C PRO B 248 -26.98 -4.64 16.59
CL CL C . 12.16 -8.39 -10.81
CL CL D . 4.41 -2.35 0.84
N GLU E . 1.27 8.75 -10.33
CA GLU E . 0.97 8.86 -11.76
C GLU E . 1.80 7.85 -12.55
O GLU E . 2.76 7.28 -11.99
CB GLU E . 1.23 10.26 -12.31
CG GLU E . 0.48 11.41 -11.63
CD GLU E . -1.03 11.45 -11.88
OE1 GLU E . -1.51 10.66 -12.69
OE2 GLU E . -1.71 12.34 -11.29
OXT GLU E . 1.47 7.61 -13.73
HA GLU E . 0.02 8.65 -11.90
HB2 GLU E . 2.18 10.45 -12.23
HB3 GLU E . 0.98 10.27 -13.25
HG2 GLU E . 0.61 11.34 -10.67
HG3 GLU E . 0.84 12.25 -11.95
CL CL F . 15.60 -9.49 -0.89
CL CL G . 2.80 -2.17 -3.64
N GLU H . -1.14 -8.61 10.58
CA GLU H . -0.50 -8.90 11.88
C GLU H . 0.94 -9.31 11.68
O GLU H . 1.31 -9.64 10.52
CB GLU H . -1.22 -10.01 12.61
CG GLU H . -2.73 -9.74 12.93
CD GLU H . -3.00 -8.68 14.03
OE1 GLU H . -2.04 -8.21 14.68
OE2 GLU H . -4.18 -8.31 14.22
OXT GLU H . 1.71 -9.34 12.67
H1 GLU H . -1.95 -8.12 10.73
H2 GLU H . -0.55 -8.10 10.04
H GLU H . -1.35 -9.44 10.14
HA GLU H . -0.52 -8.10 12.43
HB2 GLU H . -1.19 -10.81 12.06
HB3 GLU H . -0.77 -10.18 13.45
HG2 GLU H . -3.16 -9.43 12.12
HG3 GLU H . -3.14 -10.57 13.23
#